data_8PLN
#
_entry.id   8PLN
#
_cell.length_a   146.560
_cell.length_b   103.571
_cell.length_c   62.254
_cell.angle_alpha   90.000
_cell.angle_beta   113.290
_cell.angle_gamma   90.000
#
_symmetry.space_group_name_H-M   'C 1 2 1'
#
loop_
_entity.id
_entity.type
_entity.pdbx_description
1 polymer 'Thioredoxin glutathione reductase'
2 non-polymer 'FLAVIN-ADENINE DINUCLEOTIDE'
3 non-polymer 6,7,8,9-tetrahydro-5~{H}-carbazole-1-carbonitrile
4 water water
#
_entity_poly.entity_id   1
_entity_poly.type   'polypeptide(L)'
_entity_poly.pdbx_seq_one_letter_code
;GPPPADGTSQWLRKTVDSAAVILFSKTTCPYCKKVKDVLAEAKIKHATIELDQLSNGSAIQKCLASFSKIETVPQMFVRG
KFIGDSQTVLKYYSNDELAGIVNESKYDYDLIVIGGGSGGLAAGKEAAKYGAKTAVLDYVEPTPIGTTWGLGGTCVNVGC
IPKKLMHQAGLLSHALEDAEHFGWSLDRSKISHNWSTMVEGVQSHIGSLNWGYKVALRDNQVTYLNAKGRLISPHEVQIT
DKNQKVSTITGNKIILATGERPKYPEIPGAVEYGITSDDLFSLPYFPGKTLVIGASYVALECAGFLASLGGDVTVMVRSI
LLRGFDQQMAEKVGDYMENHGVKFAKLCVPDEIKQLKVVDTENNKPGLLLVKGHYTDGKKFEEEFETVIFAVGREPQLSK
VLCETVGVKLDKNGRVVCTDDEQTTVSNVYAIGDINAGKPQLTPVAIQAGRYLARRLFAGATELTDYSNVATTVFTPLEY
GACGLSEEDAIEKYGDKDIEVYHSNFKPLEWTVAHREDNVCYMKLVCRKSDNMRVLGLHVLGPNAGEITQGYAVAIKMGA
TKADFDRTIGIHPTCSETFTTLHVTKKSGVSPIVSGC
;
_entity_poly.pdbx_strand_id   A
#
loop_
_chem_comp.id
_chem_comp.type
_chem_comp.name
_chem_comp.formula
FAD non-polymer 'FLAVIN-ADENINE DINUCLEOTIDE' 'C27 H33 N9 O15 P2'
ZPI non-polymer 6,7,8,9-tetrahydro-5~{H}-carbazole-1-carbonitrile 'C13 H12 N2'
#
# COMPACT_ATOMS: atom_id res chain seq x y z
N GLY A 7 -19.34 -24.50 -16.28
CA GLY A 7 -18.07 -24.33 -16.97
C GLY A 7 -17.93 -22.97 -17.62
N THR A 8 -17.40 -22.97 -18.84
CA THR A 8 -17.55 -21.79 -19.69
C THR A 8 -18.99 -21.31 -19.65
N SER A 9 -19.92 -22.24 -19.92
CA SER A 9 -21.34 -22.17 -19.58
C SER A 9 -21.64 -21.08 -18.55
N GLN A 10 -21.06 -21.24 -17.36
CA GLN A 10 -21.44 -20.46 -16.20
C GLN A 10 -20.68 -19.14 -16.08
N TRP A 11 -19.41 -19.10 -16.50
CA TRP A 11 -18.68 -17.84 -16.52
C TRP A 11 -19.50 -16.75 -17.21
N LEU A 12 -19.94 -17.02 -18.45
CA LEU A 12 -20.48 -16.00 -19.34
C LEU A 12 -21.79 -15.40 -18.85
N ARG A 13 -22.57 -16.13 -18.04
CA ARG A 13 -23.76 -15.52 -17.45
C ARG A 13 -23.39 -14.46 -16.41
N LYS A 14 -22.21 -14.56 -15.81
CA LYS A 14 -21.79 -13.55 -14.84
C LYS A 14 -21.27 -12.30 -15.54
N THR A 15 -20.54 -12.49 -16.65
CA THR A 15 -20.00 -11.35 -17.40
C THR A 15 -21.13 -10.51 -18.00
N VAL A 16 -22.16 -11.17 -18.53
CA VAL A 16 -23.31 -10.46 -19.08
C VAL A 16 -24.07 -9.72 -17.99
N ASP A 17 -24.18 -10.33 -16.79
CA ASP A 17 -24.99 -9.75 -15.73
C ASP A 17 -24.37 -8.49 -15.15
N SER A 18 -23.04 -8.50 -14.93
CA SER A 18 -22.39 -7.42 -14.20
C SER A 18 -21.82 -6.31 -15.07
N ALA A 19 -21.63 -6.54 -16.37
CA ALA A 19 -21.11 -5.51 -17.26
C ALA A 19 -22.10 -4.36 -17.45
N ALA A 20 -21.60 -3.11 -17.37
CA ALA A 20 -22.45 -1.96 -17.67
C ALA A 20 -22.77 -1.87 -19.16
N VAL A 21 -21.75 -1.92 -20.02
CA VAL A 21 -21.92 -1.99 -21.47
C VAL A 21 -20.81 -2.87 -22.04
N ILE A 22 -21.17 -3.92 -22.78
CA ILE A 22 -20.20 -4.90 -23.27
C ILE A 22 -20.58 -5.36 -24.68
N LEU A 23 -19.57 -5.57 -25.53
CA LEU A 23 -19.77 -6.00 -26.90
C LEU A 23 -18.86 -7.19 -27.21
N PHE A 24 -19.42 -8.23 -27.83
CA PHE A 24 -18.67 -9.40 -28.29
C PHE A 24 -18.36 -9.23 -29.76
N SER A 25 -17.18 -9.64 -30.19
CA SER A 25 -16.80 -9.30 -31.57
C SER A 25 -15.69 -10.22 -32.08
N LYS A 26 -15.07 -9.81 -33.18
CA LYS A 26 -13.87 -10.40 -33.76
C LYS A 26 -13.05 -9.30 -34.45
N THR A 27 -11.72 -9.33 -34.25
CA THR A 27 -10.86 -8.34 -34.92
C THR A 27 -10.98 -8.48 -36.43
N THR A 28 -11.00 -9.70 -36.94
CA THR A 28 -11.26 -9.96 -38.36
C THR A 28 -12.78 -9.91 -38.53
N CYS A 29 -13.28 -8.69 -38.66
CA CYS A 29 -14.70 -8.46 -38.91
C CYS A 29 -14.95 -7.02 -39.32
N PRO A 30 -15.47 -6.78 -40.52
CA PRO A 30 -15.97 -5.42 -40.80
C PRO A 30 -17.15 -5.05 -39.92
N TYR A 31 -18.05 -5.99 -39.63
CA TYR A 31 -19.33 -5.66 -38.98
C TYR A 31 -19.18 -5.38 -37.48
N CYS A 32 -18.16 -5.96 -36.85
CA CYS A 32 -17.78 -5.52 -35.52
C CYS A 32 -17.15 -4.13 -35.57
N LYS A 33 -16.24 -3.91 -36.51
CA LYS A 33 -15.59 -2.60 -36.67
C LYS A 33 -16.62 -1.47 -36.80
N LYS A 34 -17.58 -1.63 -37.70
CA LYS A 34 -18.56 -0.58 -37.95
C LYS A 34 -19.37 -0.21 -36.71
N VAL A 35 -19.53 -1.13 -35.75
CA VAL A 35 -20.29 -0.77 -34.56
C VAL A 35 -19.37 -0.13 -33.52
N LYS A 36 -18.11 -0.55 -33.45
CA LYS A 36 -17.18 0.15 -32.59
C LYS A 36 -17.09 1.63 -32.97
N ASP A 37 -17.01 1.90 -34.27
CA ASP A 37 -16.93 3.28 -34.73
C ASP A 37 -18.11 4.12 -34.25
N VAL A 38 -19.32 3.55 -34.27
CA VAL A 38 -20.51 4.29 -33.82
C VAL A 38 -20.38 4.67 -32.35
N LEU A 39 -19.75 3.81 -31.56
CA LEU A 39 -19.70 4.05 -30.11
C LEU A 39 -18.56 4.97 -29.73
N ALA A 40 -17.46 4.94 -30.49
CA ALA A 40 -16.40 5.91 -30.26
C ALA A 40 -16.94 7.32 -30.47
N GLU A 41 -17.77 7.48 -31.51
CA GLU A 41 -18.23 8.80 -31.90
C GLU A 41 -19.25 9.32 -30.88
N ALA A 42 -20.20 8.49 -30.49
CA ALA A 42 -21.19 8.93 -29.50
C ALA A 42 -20.59 9.01 -28.08
N LYS A 43 -19.28 8.76 -27.99
CA LYS A 43 -18.50 8.85 -26.75
C LYS A 43 -19.00 7.83 -25.71
N ILE A 44 -19.64 6.76 -26.18
CA ILE A 44 -20.13 5.68 -25.34
C ILE A 44 -18.96 4.76 -25.02
N LYS A 45 -18.66 4.56 -23.73
CA LYS A 45 -17.55 3.71 -23.31
C LYS A 45 -18.01 2.28 -23.02
N HIS A 46 -17.14 1.31 -23.30
CA HIS A 46 -17.53 -0.08 -23.19
C HIS A 46 -16.31 -0.99 -23.08
N ALA A 47 -16.55 -2.19 -22.56
CA ALA A 47 -15.63 -3.31 -22.67
C ALA A 47 -15.95 -4.12 -23.93
N THR A 48 -14.97 -4.91 -24.37
CA THR A 48 -15.07 -5.59 -25.66
C THR A 48 -14.36 -6.92 -25.60
N ILE A 49 -15.05 -7.99 -25.96
CA ILE A 49 -14.45 -9.32 -26.05
C ILE A 49 -14.34 -9.71 -27.52
N GLU A 50 -13.12 -9.89 -28.00
CA GLU A 50 -12.87 -10.42 -29.34
C GLU A 50 -12.89 -11.95 -29.22
N LEU A 51 -13.95 -12.57 -29.75
CA LEU A 51 -14.12 -14.03 -29.64
C LEU A 51 -13.04 -14.80 -30.39
N ASP A 52 -12.46 -14.19 -31.44
CA ASP A 52 -11.38 -14.79 -32.22
C ASP A 52 -10.03 -14.71 -31.52
N GLN A 53 -10.03 -14.46 -30.22
CA GLN A 53 -8.81 -14.32 -29.46
C GLN A 53 -8.78 -15.14 -28.17
N LEU A 54 -9.86 -15.86 -27.86
CA LEU A 54 -9.85 -16.86 -26.79
C LEU A 54 -9.99 -18.24 -27.41
N SER A 55 -9.30 -19.21 -26.82
CA SER A 55 -9.43 -20.61 -27.23
C SER A 55 -10.76 -21.23 -26.78
N ASN A 56 -11.62 -20.34 -26.30
CA ASN A 56 -12.95 -20.68 -25.84
C ASN A 56 -14.04 -20.13 -26.75
N GLY A 57 -13.65 -19.49 -27.87
CA GLY A 57 -14.56 -18.56 -28.54
C GLY A 57 -15.71 -19.24 -29.26
N SER A 58 -15.43 -20.37 -29.89
CA SER A 58 -16.50 -21.16 -30.51
C SER A 58 -17.55 -21.53 -29.47
N ALA A 59 -17.12 -22.11 -28.36
CA ALA A 59 -18.03 -22.52 -27.30
C ALA A 59 -18.89 -21.37 -26.82
N ILE A 60 -18.30 -20.18 -26.69
CA ILE A 60 -19.03 -19.02 -26.18
C ILE A 60 -19.98 -18.49 -27.25
N GLN A 61 -19.47 -18.38 -28.48
CA GLN A 61 -20.25 -17.82 -29.58
C GLN A 61 -21.58 -18.55 -29.73
N LYS A 62 -21.57 -19.88 -29.60
CA LYS A 62 -22.84 -20.60 -29.55
C LYS A 62 -23.54 -20.38 -28.22
N CYS A 63 -22.80 -20.43 -27.10
CA CYS A 63 -23.42 -20.29 -25.79
C CYS A 63 -24.11 -18.93 -25.63
N LEU A 64 -23.55 -17.88 -26.25
CA LEU A 64 -24.14 -16.54 -26.19
C LEU A 64 -25.65 -16.56 -26.47
N ALA A 65 -26.09 -17.46 -27.37
CA ALA A 65 -27.46 -17.45 -27.85
C ALA A 65 -28.47 -17.70 -26.74
N SER A 66 -28.07 -18.32 -25.63
CA SER A 66 -28.96 -18.44 -24.49
C SER A 66 -29.57 -17.10 -24.12
N PHE A 67 -28.86 -16.01 -24.37
CA PHE A 67 -29.32 -14.67 -24.09
C PHE A 67 -29.88 -13.98 -25.34
N SER A 68 -29.14 -14.03 -26.45
CA SER A 68 -29.44 -13.26 -27.66
C SER A 68 -30.30 -14.00 -28.67
N LYS A 69 -30.48 -15.31 -28.53
CA LYS A 69 -31.18 -16.16 -29.49
C LYS A 69 -30.60 -16.01 -30.91
N ILE A 70 -29.40 -15.45 -31.01
CA ILE A 70 -28.66 -15.39 -32.26
C ILE A 70 -27.24 -15.91 -31.99
N GLU A 71 -26.44 -16.03 -33.05
CA GLU A 71 -25.15 -16.69 -32.90
C GLU A 71 -23.99 -15.93 -33.51
N THR A 72 -24.20 -14.71 -33.98
CA THR A 72 -23.22 -14.04 -34.82
C THR A 72 -22.75 -12.72 -34.22
N VAL A 73 -21.68 -12.19 -34.78
CA VAL A 73 -21.03 -11.01 -34.21
C VAL A 73 -21.39 -9.80 -35.05
N PRO A 74 -21.56 -8.64 -34.46
CA PRO A 74 -21.44 -8.39 -33.03
C PRO A 74 -22.78 -8.41 -32.27
N GLN A 75 -22.71 -8.64 -30.96
CA GLN A 75 -23.85 -8.48 -30.05
C GLN A 75 -23.49 -7.46 -28.99
N MET A 76 -24.41 -6.53 -28.73
CA MET A 76 -24.23 -5.54 -27.69
C MET A 76 -25.24 -5.74 -26.58
N PHE A 77 -24.75 -5.79 -25.35
CA PHE A 77 -25.60 -5.83 -24.17
C PHE A 77 -25.36 -4.57 -23.35
N VAL A 78 -26.42 -4.09 -22.70
CA VAL A 78 -26.31 -2.98 -21.75
C VAL A 78 -26.89 -3.47 -20.43
N ARG A 79 -26.04 -3.57 -19.41
CA ARG A 79 -26.45 -3.89 -18.05
C ARG A 79 -27.33 -5.14 -18.02
N GLY A 80 -26.87 -6.18 -18.71
CA GLY A 80 -27.51 -7.47 -18.71
C GLY A 80 -28.57 -7.68 -19.77
N LYS A 81 -29.02 -6.62 -20.42
CA LYS A 81 -30.12 -6.64 -21.39
C LYS A 81 -29.56 -6.68 -22.81
N PHE A 82 -30.10 -7.57 -23.64
CA PHE A 82 -29.66 -7.61 -25.03
C PHE A 82 -30.21 -6.38 -25.75
N ILE A 83 -29.33 -5.67 -26.46
CA ILE A 83 -29.69 -4.43 -27.13
C ILE A 83 -29.92 -4.64 -28.62
N GLY A 84 -29.02 -5.36 -29.29
CA GLY A 84 -29.27 -5.66 -30.69
C GLY A 84 -28.00 -5.98 -31.44
N ASP A 85 -28.21 -6.39 -32.70
CA ASP A 85 -27.13 -6.69 -33.64
C ASP A 85 -26.74 -5.37 -34.31
N SER A 86 -26.07 -5.44 -35.46
CA SER A 86 -25.57 -4.24 -36.12
C SER A 86 -26.71 -3.29 -36.51
N GLN A 87 -27.62 -3.76 -37.37
CA GLN A 87 -28.63 -2.87 -37.95
C GLN A 87 -29.48 -2.21 -36.87
N THR A 88 -29.78 -2.95 -35.79
CA THR A 88 -30.67 -2.44 -34.75
C THR A 88 -29.98 -1.37 -33.89
N VAL A 89 -28.69 -1.56 -33.61
CA VAL A 89 -27.90 -0.55 -32.93
C VAL A 89 -27.90 0.77 -33.72
N LEU A 90 -27.53 0.72 -35.01
CA LEU A 90 -27.55 1.94 -35.83
C LEU A 90 -28.96 2.43 -36.14
N LYS A 91 -29.97 1.58 -36.01
CA LYS A 91 -31.34 2.06 -35.93
C LYS A 91 -31.57 2.89 -34.67
N TYR A 92 -31.16 2.38 -33.51
CA TYR A 92 -31.21 3.15 -32.27
C TYR A 92 -30.43 4.46 -32.38
N TYR A 93 -29.40 4.49 -33.22
CA TYR A 93 -28.53 5.64 -33.34
C TYR A 93 -29.07 6.64 -34.38
N SER A 94 -29.33 6.18 -35.61
CA SER A 94 -29.91 7.04 -36.63
C SER A 94 -31.22 7.68 -36.15
N ASN A 95 -32.00 6.93 -35.36
CA ASN A 95 -33.25 7.42 -34.80
C ASN A 95 -33.06 8.13 -33.47
N ASP A 96 -31.80 8.36 -33.05
CA ASP A 96 -31.50 9.17 -31.88
C ASP A 96 -32.10 8.56 -30.61
N GLU A 97 -31.73 7.30 -30.34
CA GLU A 97 -32.22 6.60 -29.16
C GLU A 97 -31.13 5.87 -28.39
N LEU A 98 -29.86 6.05 -28.77
CA LEU A 98 -28.79 5.26 -28.17
C LEU A 98 -28.53 5.63 -26.71
N ALA A 99 -27.98 6.82 -26.45
CA ALA A 99 -27.53 7.19 -25.11
C ALA A 99 -28.63 7.14 -24.04
N GLY A 100 -29.89 6.96 -24.43
CA GLY A 100 -30.95 6.83 -23.44
C GLY A 100 -31.14 5.41 -22.94
N ILE A 101 -30.89 4.45 -23.82
CA ILE A 101 -30.86 3.05 -23.39
C ILE A 101 -29.52 2.76 -22.67
N VAL A 102 -28.45 3.48 -23.01
CA VAL A 102 -27.13 3.24 -22.43
C VAL A 102 -26.98 4.00 -21.12
N ASN A 103 -28.06 4.64 -20.66
CA ASN A 103 -28.11 5.14 -19.29
C ASN A 103 -29.24 4.51 -18.50
N GLU A 104 -29.83 3.44 -19.04
CA GLU A 104 -30.79 2.58 -18.35
C GLU A 104 -30.09 1.89 -17.18
N SER A 105 -30.39 2.29 -15.95
CA SER A 105 -29.81 1.58 -14.83
C SER A 105 -30.73 1.63 -13.62
N LYS A 106 -30.91 0.46 -13.01
CA LYS A 106 -31.67 0.30 -11.78
C LYS A 106 -31.05 1.03 -10.59
N TYR A 107 -29.96 1.75 -10.80
CA TYR A 107 -29.25 2.44 -9.74
C TYR A 107 -28.62 3.69 -10.34
N ASP A 108 -28.31 4.64 -9.46
CA ASP A 108 -27.62 5.85 -9.89
C ASP A 108 -26.27 5.51 -10.50
N TYR A 109 -25.45 4.79 -9.76
CA TYR A 109 -24.12 4.40 -10.20
C TYR A 109 -24.04 2.90 -10.39
N ASP A 110 -23.27 2.48 -11.40
CA ASP A 110 -22.82 1.09 -11.47
C ASP A 110 -22.00 0.75 -10.25
N LEU A 111 -21.26 1.73 -9.71
CA LEU A 111 -20.17 1.45 -8.77
C LEU A 111 -19.99 2.61 -7.82
N ILE A 112 -20.07 2.36 -6.51
CA ILE A 112 -19.81 3.38 -5.49
C ILE A 112 -18.64 2.92 -4.63
N VAL A 113 -17.57 3.71 -4.61
CA VAL A 113 -16.34 3.38 -3.90
C VAL A 113 -16.20 4.33 -2.72
N ILE A 114 -16.43 3.80 -1.51
CA ILE A 114 -16.19 4.54 -0.27
C ILE A 114 -14.72 4.40 0.11
N GLY A 115 -13.99 5.53 0.07
CA GLY A 115 -12.57 5.54 0.33
C GLY A 115 -11.78 6.01 -0.88
N GLY A 116 -11.23 7.23 -0.82
CA GLY A 116 -10.48 7.79 -1.94
C GLY A 116 -8.97 7.67 -1.82
N GLY A 117 -8.47 6.54 -1.32
CA GLY A 117 -7.05 6.30 -1.10
C GLY A 117 -6.45 5.43 -2.18
N SER A 118 -5.33 4.79 -1.83
CA SER A 118 -4.55 3.98 -2.78
C SER A 118 -5.42 3.08 -3.67
N GLY A 119 -5.87 1.94 -3.11
CA GLY A 119 -6.70 1.02 -3.88
C GLY A 119 -8.03 1.63 -4.31
N GLY A 120 -8.62 2.48 -3.45
CA GLY A 120 -9.93 3.02 -3.76
C GLY A 120 -9.97 3.82 -5.04
N LEU A 121 -8.95 4.66 -5.26
CA LEU A 121 -8.77 5.35 -6.54
C LEU A 121 -8.37 4.38 -7.64
N ALA A 122 -7.51 3.40 -7.32
CA ALA A 122 -7.10 2.42 -8.33
C ALA A 122 -8.31 1.72 -8.93
N ALA A 123 -9.24 1.30 -8.06
CA ALA A 123 -10.45 0.62 -8.50
C ALA A 123 -11.33 1.53 -9.36
N GLY A 124 -11.69 2.71 -8.82
CA GLY A 124 -12.54 3.63 -9.57
C GLY A 124 -12.00 3.92 -10.95
N LYS A 125 -10.70 4.19 -11.07
CA LYS A 125 -10.14 4.56 -12.36
C LYS A 125 -10.33 3.44 -13.36
N GLU A 126 -10.00 2.21 -12.98
CA GLU A 126 -10.07 1.11 -13.93
C GLU A 126 -11.52 0.79 -14.27
N ALA A 127 -12.46 1.09 -13.38
CA ALA A 127 -13.86 0.72 -13.63
C ALA A 127 -14.49 1.59 -14.70
N ALA A 128 -14.31 2.90 -14.62
CA ALA A 128 -14.90 3.81 -15.60
C ALA A 128 -14.33 3.61 -17.00
N LYS A 129 -13.16 2.96 -17.12
CA LYS A 129 -12.57 2.62 -18.40
C LYS A 129 -13.52 1.78 -19.23
N TYR A 130 -14.22 0.83 -18.60
CA TYR A 130 -15.05 -0.15 -19.28
C TYR A 130 -16.53 0.20 -19.20
N GLY A 131 -16.84 1.47 -18.97
CA GLY A 131 -18.18 1.97 -19.17
C GLY A 131 -19.02 2.11 -17.94
N ALA A 132 -18.49 1.79 -16.75
CA ALA A 132 -19.30 1.78 -15.53
C ALA A 132 -19.40 3.17 -14.93
N LYS A 133 -20.62 3.58 -14.62
CA LYS A 133 -20.90 4.92 -14.12
C LYS A 133 -20.42 4.96 -12.69
N THR A 134 -19.22 5.48 -12.46
CA THR A 134 -18.51 5.27 -11.19
C THR A 134 -18.39 6.55 -10.39
N ALA A 135 -18.66 6.46 -9.09
CA ALA A 135 -18.48 7.57 -8.15
C ALA A 135 -17.48 7.18 -7.05
N VAL A 136 -16.79 8.17 -6.52
CA VAL A 136 -15.71 7.94 -5.55
C VAL A 136 -15.83 8.94 -4.40
N LEU A 137 -15.68 8.45 -3.17
CA LEU A 137 -15.96 9.24 -1.98
C LEU A 137 -14.77 9.22 -1.04
N ASP A 138 -14.35 10.43 -0.59
CA ASP A 138 -13.28 10.59 0.39
C ASP A 138 -13.59 11.68 1.41
N TYR A 139 -13.42 11.35 2.69
CA TYR A 139 -13.34 12.31 3.79
C TYR A 139 -12.06 11.99 4.57
N VAL A 140 -11.44 13.03 5.11
CA VAL A 140 -10.28 12.87 5.98
C VAL A 140 -10.72 13.34 7.36
N GLU A 141 -11.06 12.39 8.22
CA GLU A 141 -11.33 12.69 9.61
C GLU A 141 -10.17 13.47 10.23
N PRO A 142 -10.38 14.71 10.66
CA PRO A 142 -9.29 15.48 11.31
C PRO A 142 -8.73 14.78 12.54
N THR A 143 -7.42 14.95 12.74
CA THR A 143 -6.72 14.37 13.89
C THR A 143 -7.18 15.08 15.17
N PRO A 144 -6.75 14.63 16.35
CA PRO A 144 -7.19 15.31 17.57
C PRO A 144 -6.84 16.79 17.62
N ILE A 145 -5.72 17.18 17.00
CA ILE A 145 -5.36 18.59 16.93
C ILE A 145 -5.87 19.29 15.67
N GLY A 146 -6.50 18.55 14.74
CA GLY A 146 -7.10 19.13 13.56
C GLY A 146 -6.36 18.98 12.25
N THR A 147 -5.29 18.19 12.21
CA THR A 147 -4.54 17.95 10.98
C THR A 147 -5.42 17.28 9.92
N THR A 148 -5.40 17.80 8.68
CA THR A 148 -6.25 17.28 7.62
C THR A 148 -5.60 17.56 6.26
N TRP A 149 -5.87 16.67 5.28
CA TRP A 149 -5.14 16.63 4.01
C TRP A 149 -6.09 16.35 2.84
N GLY A 150 -5.52 16.22 1.62
CA GLY A 150 -6.28 16.11 0.40
C GLY A 150 -6.33 14.71 -0.20
N LEU A 151 -7.23 14.56 -1.18
CA LEU A 151 -7.48 13.29 -1.86
C LEU A 151 -6.22 12.49 -2.11
N GLY A 152 -6.32 11.17 -1.99
CA GLY A 152 -5.15 10.31 -2.17
C GLY A 152 -4.85 9.20 -1.16
N GLY A 153 -5.26 9.41 0.11
CA GLY A 153 -5.04 8.38 1.11
C GLY A 153 -3.70 8.42 1.85
N THR A 154 -3.46 7.33 2.59
CA THR A 154 -2.45 7.36 3.63
C THR A 154 -1.04 7.44 3.04
N CYS A 155 -0.77 6.68 1.99
CA CYS A 155 0.54 6.74 1.34
C CYS A 155 0.89 8.15 0.87
N VAL A 156 0.06 8.70 -0.03
CA VAL A 156 0.29 10.03 -0.60
C VAL A 156 0.56 11.06 0.49
N ASN A 157 -0.30 11.09 1.52
CA ASN A 157 -0.44 12.25 2.40
C ASN A 157 0.28 12.10 3.73
N VAL A 158 0.16 10.93 4.38
CA VAL A 158 0.72 10.73 5.72
C VAL A 158 1.42 9.38 5.82
N GLY A 159 2.08 8.95 4.72
CA GLY A 159 2.70 7.64 4.62
C GLY A 159 3.92 7.53 3.71
N CYS A 160 3.85 6.67 2.66
CA CYS A 160 5.08 6.29 1.96
C CYS A 160 5.76 7.47 1.27
N ILE A 161 4.97 8.41 0.74
CA ILE A 161 5.52 9.53 0.00
C ILE A 161 6.18 10.53 0.95
N PRO A 162 5.50 11.09 1.96
CA PRO A 162 6.21 12.06 2.79
C PRO A 162 7.30 11.43 3.67
N LYS A 163 7.14 10.18 4.11
CA LYS A 163 8.22 9.57 4.88
C LYS A 163 9.49 9.43 4.05
N LYS A 164 9.39 8.98 2.80
CA LYS A 164 10.59 8.56 2.09
C LYS A 164 11.40 9.74 1.62
N LEU A 165 10.75 10.83 1.18
CA LEU A 165 11.46 12.09 0.94
C LEU A 165 12.21 12.56 2.18
N MET A 166 11.59 12.37 3.34
CA MET A 166 12.16 12.74 4.62
C MET A 166 13.27 11.77 4.99
N HIS A 167 13.14 10.52 4.53
CA HIS A 167 14.30 9.65 4.52
C HIS A 167 15.40 10.29 3.68
N GLN A 168 15.10 10.60 2.41
CA GLN A 168 16.11 11.14 1.50
C GLN A 168 16.88 12.31 2.12
N ALA A 169 16.18 13.26 2.74
CA ALA A 169 16.88 14.33 3.45
C ALA A 169 17.82 13.81 4.53
N GLY A 170 17.58 12.62 5.06
CA GLY A 170 18.46 12.05 6.07
C GLY A 170 19.74 11.43 5.51
N LEU A 171 19.62 10.72 4.37
CA LEU A 171 20.81 10.17 3.71
C LEU A 171 21.68 11.27 3.14
N LEU A 172 21.08 12.35 2.67
CA LEU A 172 21.90 13.47 2.25
C LEU A 172 22.79 13.96 3.39
N SER A 173 22.49 13.61 4.64
CA SER A 173 23.39 13.97 5.72
C SER A 173 24.72 13.21 5.63
N HIS A 174 24.74 12.07 4.95
CA HIS A 174 25.96 11.29 4.78
C HIS A 174 26.50 11.40 3.38
N ALA A 175 25.71 11.91 2.44
CA ALA A 175 26.32 12.43 1.23
C ALA A 175 27.37 13.47 1.57
N LEU A 176 27.00 14.47 2.39
CA LEU A 176 27.90 15.59 2.68
C LEU A 176 29.11 15.14 3.48
N GLU A 177 28.92 14.20 4.40
CA GLU A 177 30.06 13.61 5.09
C GLU A 177 31.03 13.01 4.08
N ASP A 178 30.53 12.10 3.24
CA ASP A 178 31.38 11.39 2.31
C ASP A 178 31.95 12.32 1.25
N ALA A 179 31.17 13.33 0.83
CA ALA A 179 31.57 14.29 -0.20
C ALA A 179 32.98 14.82 0.06
N GLU A 180 33.38 14.89 1.33
CA GLU A 180 34.70 15.40 1.67
C GLU A 180 35.81 14.47 1.16
N HIS A 181 35.73 13.18 1.48
CA HIS A 181 36.80 12.25 1.12
C HIS A 181 36.95 12.04 -0.37
N PHE A 182 35.97 12.45 -1.17
CA PHE A 182 36.02 12.25 -2.61
C PHE A 182 36.51 13.52 -3.32
N GLY A 183 37.07 14.46 -2.56
CA GLY A 183 37.73 15.62 -3.11
C GLY A 183 36.91 16.89 -3.15
N TRP A 184 35.79 16.94 -2.44
CA TRP A 184 34.97 18.14 -2.47
C TRP A 184 35.24 18.97 -1.23
N SER A 185 35.33 20.28 -1.45
CA SER A 185 35.90 21.21 -0.49
C SER A 185 34.87 21.81 0.45
N LEU A 186 33.87 21.06 0.88
CA LEU A 186 32.97 21.54 1.91
C LEU A 186 33.44 21.09 3.28
N ASP A 187 32.84 21.68 4.31
CA ASP A 187 33.09 21.29 5.69
C ASP A 187 31.76 20.79 6.25
N ARG A 188 31.59 19.46 6.23
CA ARG A 188 30.39 18.86 6.80
C ARG A 188 30.06 19.41 8.20
N SER A 189 31.06 19.64 9.04
CA SER A 189 30.79 19.94 10.44
C SER A 189 30.19 21.34 10.63
N LYS A 190 30.08 22.14 9.59
CA LYS A 190 29.45 23.45 9.75
C LYS A 190 28.26 23.62 8.79
N ILE A 191 27.42 22.58 8.66
CA ILE A 191 26.13 22.72 7.97
C ILE A 191 25.04 22.19 8.89
N SER A 192 23.88 22.82 8.79
CA SER A 192 22.76 22.61 9.68
C SER A 192 21.53 22.33 8.83
N HIS A 193 20.62 21.53 9.37
CA HIS A 193 19.38 21.25 8.67
C HIS A 193 18.25 22.14 9.18
N ASN A 194 17.41 22.61 8.24
CA ASN A 194 16.26 23.48 8.53
C ASN A 194 14.97 22.70 8.23
N TRP A 195 14.13 22.54 9.26
CA TRP A 195 12.98 21.63 9.19
C TRP A 195 11.86 22.22 8.35
N SER A 196 11.54 23.50 8.59
CA SER A 196 10.45 24.14 7.86
C SER A 196 10.68 24.03 6.36
N THR A 197 11.89 24.39 5.88
CA THR A 197 12.15 24.35 4.45
C THR A 197 11.99 22.94 3.89
N MET A 198 12.20 21.94 4.73
CA MET A 198 12.06 20.58 4.24
C MET A 198 10.58 20.21 4.14
N VAL A 199 9.79 20.52 5.17
CA VAL A 199 8.37 20.23 5.12
C VAL A 199 7.72 20.97 3.97
N GLU A 200 8.22 22.17 3.67
CA GLU A 200 7.57 23.01 2.67
C GLU A 200 7.59 22.33 1.31
N GLY A 201 8.67 21.64 0.99
CA GLY A 201 8.79 21.04 -0.33
C GLY A 201 8.00 19.76 -0.42
N VAL A 202 8.12 18.95 0.64
CA VAL A 202 7.36 17.71 0.74
C VAL A 202 5.87 18.01 0.64
N GLN A 203 5.45 19.12 1.21
CA GLN A 203 4.04 19.48 1.13
C GLN A 203 3.67 20.00 -0.25
N SER A 204 4.61 20.70 -0.91
CA SER A 204 4.41 21.09 -2.29
C SER A 204 4.21 19.87 -3.20
N HIS A 205 5.01 18.82 -3.02
CA HIS A 205 4.81 17.64 -3.87
C HIS A 205 3.50 16.96 -3.54
N ILE A 206 3.15 16.81 -2.25
CA ILE A 206 1.87 16.19 -1.92
C ILE A 206 0.73 16.99 -2.53
N GLY A 207 0.86 18.33 -2.50
CA GLY A 207 -0.14 19.15 -3.14
C GLY A 207 -0.39 18.72 -4.56
N SER A 208 0.70 18.58 -5.35
CA SER A 208 0.58 18.22 -6.75
C SER A 208 0.10 16.79 -6.94
N LEU A 209 0.18 15.96 -5.92
CA LEU A 209 -0.48 14.67 -6.06
C LEU A 209 -1.97 14.82 -5.85
N ASN A 210 -2.37 15.56 -4.81
CA ASN A 210 -3.79 15.79 -4.55
C ASN A 210 -4.47 16.34 -5.80
N TRP A 211 -3.83 17.30 -6.46
CA TRP A 211 -4.45 17.91 -7.61
C TRP A 211 -4.53 16.92 -8.76
N GLY A 212 -3.48 16.14 -8.98
CA GLY A 212 -3.44 15.23 -10.11
C GLY A 212 -4.49 14.14 -10.04
N TYR A 213 -4.85 13.71 -8.82
CA TYR A 213 -5.92 12.73 -8.68
C TYR A 213 -7.30 13.33 -9.00
N LYS A 214 -7.57 14.54 -8.50
CA LYS A 214 -8.82 15.22 -8.85
C LYS A 214 -8.95 15.37 -10.36
N VAL A 215 -7.86 15.71 -11.05
CA VAL A 215 -7.93 15.86 -12.50
C VAL A 215 -8.13 14.50 -13.16
N ALA A 216 -7.38 13.48 -12.71
CA ALA A 216 -7.55 12.13 -13.24
C ALA A 216 -9.00 11.68 -13.17
N LEU A 217 -9.59 11.72 -11.96
CA LEU A 217 -10.97 11.27 -11.79
C LEU A 217 -11.91 12.03 -12.74
N ARG A 218 -11.71 13.34 -12.84
CA ARG A 218 -12.59 14.18 -13.65
C ARG A 218 -12.54 13.81 -15.14
N ASP A 219 -11.37 13.42 -15.64
CA ASP A 219 -11.21 13.13 -17.07
C ASP A 219 -11.57 11.70 -17.46
N ASN A 220 -11.89 10.85 -16.49
CA ASN A 220 -12.39 9.51 -16.75
C ASN A 220 -13.89 9.39 -16.58
N GLN A 221 -14.55 10.49 -16.21
CA GLN A 221 -15.98 10.45 -15.88
C GLN A 221 -16.18 9.59 -14.63
N VAL A 222 -15.74 10.13 -13.48
CA VAL A 222 -15.93 9.55 -12.17
C VAL A 222 -16.37 10.67 -11.25
N THR A 223 -17.54 10.52 -10.63
CA THR A 223 -18.04 11.64 -9.82
C THR A 223 -17.36 11.57 -8.46
N TYR A 224 -16.46 12.52 -8.20
CA TYR A 224 -15.77 12.60 -6.93
C TYR A 224 -16.64 13.36 -5.94
N LEU A 225 -16.72 12.83 -4.73
CA LEU A 225 -17.71 13.28 -3.75
C LEU A 225 -17.00 13.40 -2.39
N ASN A 226 -16.43 14.57 -2.15
CA ASN A 226 -15.78 14.86 -0.90
C ASN A 226 -16.78 14.71 0.25
N ALA A 227 -17.15 13.48 0.59
CA ALA A 227 -18.22 13.25 1.54
C ALA A 227 -17.98 11.97 2.35
N LYS A 228 -18.40 12.00 3.61
CA LYS A 228 -18.37 10.82 4.47
C LYS A 228 -19.54 9.91 4.12
N GLY A 229 -19.25 8.63 3.89
CA GLY A 229 -20.22 7.72 3.32
C GLY A 229 -20.43 6.52 4.22
N ARG A 230 -21.67 6.03 4.25
CA ARG A 230 -22.07 4.91 5.09
C ARG A 230 -23.01 3.98 4.33
N LEU A 231 -22.83 2.69 4.54
CA LEU A 231 -23.57 1.65 3.83
C LEU A 231 -24.73 1.20 4.72
N ILE A 232 -25.94 1.65 4.40
CA ILE A 232 -27.10 1.33 5.23
C ILE A 232 -27.79 0.06 4.75
N SER A 233 -28.09 -0.04 3.45
CA SER A 233 -28.66 -1.24 2.84
C SER A 233 -27.60 -1.79 1.89
N PRO A 234 -27.83 -2.93 1.21
CA PRO A 234 -26.77 -3.46 0.33
C PRO A 234 -26.45 -2.54 -0.82
N HIS A 235 -27.44 -1.81 -1.33
CA HIS A 235 -27.28 -0.95 -2.49
C HIS A 235 -27.50 0.52 -2.18
N GLU A 236 -27.65 0.87 -0.91
CA GLU A 236 -27.90 2.25 -0.47
C GLU A 236 -26.71 2.74 0.34
N VAL A 237 -26.07 3.80 -0.16
CA VAL A 237 -24.97 4.47 0.52
C VAL A 237 -25.43 5.87 0.88
N GLN A 238 -25.20 6.28 2.12
CA GLN A 238 -25.63 7.56 2.63
C GLN A 238 -24.42 8.46 2.87
N ILE A 239 -24.48 9.70 2.36
CA ILE A 239 -23.33 10.60 2.36
C ILE A 239 -23.66 11.87 3.15
N THR A 240 -22.63 12.46 3.75
CA THR A 240 -22.75 13.73 4.45
C THR A 240 -21.57 14.62 4.04
N ASP A 241 -21.86 15.86 3.66
CA ASP A 241 -20.86 16.76 3.10
C ASP A 241 -20.26 17.67 4.18
N LYS A 242 -19.53 18.69 3.75
CA LYS A 242 -18.98 19.69 4.67
C LYS A 242 -20.10 20.53 5.30
N ASN A 243 -21.14 20.80 4.54
CA ASN A 243 -22.30 21.53 5.03
C ASN A 243 -23.22 20.65 5.87
N GLN A 244 -22.79 19.43 6.23
CA GLN A 244 -23.58 18.51 7.03
C GLN A 244 -24.90 18.13 6.37
N LYS A 245 -24.96 18.11 5.04
CA LYS A 245 -26.18 17.73 4.35
C LYS A 245 -26.19 16.22 4.17
N VAL A 246 -27.36 15.62 4.42
CA VAL A 246 -27.55 14.19 4.27
C VAL A 246 -28.26 13.92 2.96
N SER A 247 -28.11 12.68 2.48
CA SER A 247 -28.65 12.23 1.19
C SER A 247 -28.20 10.79 0.98
N THR A 248 -28.97 10.07 0.15
CA THR A 248 -28.67 8.67 -0.20
C THR A 248 -28.42 8.55 -1.69
N ILE A 249 -27.39 7.77 -2.05
CA ILE A 249 -27.15 7.39 -3.43
C ILE A 249 -27.16 5.88 -3.53
N THR A 250 -27.38 5.38 -4.73
CA THR A 250 -27.61 3.97 -4.98
C THR A 250 -26.59 3.48 -5.99
N GLY A 251 -26.13 2.26 -5.79
CA GLY A 251 -25.18 1.66 -6.71
C GLY A 251 -25.44 0.17 -6.88
N ASN A 252 -25.13 -0.30 -8.08
CA ASN A 252 -25.15 -1.74 -8.35
C ASN A 252 -24.15 -2.47 -7.47
N LYS A 253 -22.87 -2.17 -7.64
CA LYS A 253 -21.78 -2.77 -6.87
C LYS A 253 -21.12 -1.73 -5.97
N ILE A 254 -20.75 -2.15 -4.76
CA ILE A 254 -20.24 -1.24 -3.74
C ILE A 254 -18.90 -1.78 -3.26
N ILE A 255 -17.88 -0.90 -3.23
CA ILE A 255 -16.52 -1.29 -2.86
C ILE A 255 -16.07 -0.54 -1.62
N LEU A 256 -15.52 -1.29 -0.67
CA LEU A 256 -15.16 -0.77 0.63
C LEU A 256 -13.64 -0.63 0.68
N ALA A 257 -13.17 0.61 0.68
CA ALA A 257 -11.73 0.84 0.64
C ALA A 257 -11.35 2.07 1.48
N THR A 258 -11.65 2.01 2.79
CA THR A 258 -11.49 3.17 3.68
C THR A 258 -10.28 3.06 4.58
N GLY A 259 -9.46 2.02 4.39
CA GLY A 259 -8.16 1.97 5.04
C GLY A 259 -8.26 2.07 6.55
N GLU A 260 -7.26 2.70 7.14
CA GLU A 260 -7.14 2.70 8.58
C GLU A 260 -6.73 4.09 9.02
N ARG A 261 -6.39 4.17 10.30
CA ARG A 261 -6.05 5.39 11.01
C ARG A 261 -5.25 5.01 12.25
N PRO A 262 -4.55 5.95 12.85
CA PRO A 262 -3.64 5.63 13.96
C PRO A 262 -4.31 5.31 15.30
N LYS A 263 -3.60 4.53 16.13
CA LYS A 263 -4.04 4.12 17.47
C LYS A 263 -3.19 4.76 18.56
N TYR A 264 -3.82 4.89 19.74
CA TYR A 264 -3.38 5.62 20.94
C TYR A 264 -3.34 4.72 22.17
N PRO A 265 -2.29 4.79 22.97
CA PRO A 265 -2.34 4.12 24.28
C PRO A 265 -3.35 4.78 25.20
N GLU A 266 -4.10 3.96 25.94
CA GLU A 266 -5.10 4.44 26.90
C GLU A 266 -4.39 4.87 28.19
N ILE A 267 -3.89 6.10 28.19
CA ILE A 267 -3.20 6.64 29.36
C ILE A 267 -3.45 8.14 29.46
N PRO A 268 -3.35 8.73 30.65
CA PRO A 268 -3.52 10.19 30.76
C PRO A 268 -2.49 10.92 29.92
N GLY A 269 -2.95 11.88 29.11
CA GLY A 269 -2.08 12.79 28.42
C GLY A 269 -1.86 12.47 26.95
N ALA A 270 -2.11 11.21 26.55
CA ALA A 270 -1.81 10.75 25.20
C ALA A 270 -2.42 11.64 24.14
N VAL A 271 -3.75 11.55 24.00
CA VAL A 271 -4.45 12.26 22.93
C VAL A 271 -4.22 13.77 23.05
N GLU A 272 -4.15 14.27 24.27
CA GLU A 272 -4.01 15.70 24.48
C GLU A 272 -2.65 16.18 24.00
N TYR A 273 -1.58 15.69 24.63
CA TYR A 273 -0.26 16.28 24.45
C TYR A 273 0.62 15.51 23.47
N GLY A 274 0.14 14.39 22.93
CA GLY A 274 0.91 13.65 21.93
C GLY A 274 0.38 13.74 20.52
N ILE A 275 1.26 13.48 19.53
CA ILE A 275 0.88 13.41 18.13
C ILE A 275 1.08 12.00 17.58
N THR A 276 0.81 11.82 16.28
CA THR A 276 1.14 10.59 15.58
C THR A 276 1.79 10.83 14.22
N SER A 277 1.62 9.85 13.33
CA SER A 277 2.19 9.95 12.00
C SER A 277 1.49 11.00 11.19
N ASP A 278 0.18 11.18 11.44
CA ASP A 278 -0.62 12.06 10.58
C ASP A 278 -0.27 13.52 10.80
N ASP A 279 0.13 13.88 12.02
CA ASP A 279 0.48 15.25 12.32
C ASP A 279 1.91 15.58 11.93
N LEU A 280 2.79 14.57 11.95
CA LEU A 280 4.22 14.83 11.90
C LEU A 280 4.63 15.39 10.56
N PHE A 281 3.98 14.96 9.47
CA PHE A 281 4.49 15.23 8.13
C PHE A 281 4.14 16.61 7.63
N SER A 282 3.19 17.30 8.26
CA SER A 282 2.99 18.72 7.97
C SER A 282 3.24 19.56 9.22
N LEU A 283 4.02 19.06 10.16
CA LEU A 283 4.35 19.81 11.37
C LEU A 283 4.91 21.18 10.99
N PRO A 284 4.54 22.23 11.70
CA PRO A 284 5.04 23.58 11.38
C PRO A 284 6.31 23.95 12.11
N TYR A 285 6.76 23.14 13.06
CA TYR A 285 8.01 23.36 13.77
C TYR A 285 8.80 22.05 13.80
N PHE A 286 10.12 22.17 13.97
CA PHE A 286 10.94 20.99 14.22
C PHE A 286 10.62 20.40 15.59
N PRO A 287 10.28 19.11 15.68
CA PRO A 287 9.86 18.54 16.98
C PRO A 287 10.86 18.69 18.13
N GLY A 288 12.16 18.78 17.84
CA GLY A 288 13.18 18.83 18.88
C GLY A 288 13.44 17.50 19.57
N LYS A 289 13.62 17.53 20.88
CA LYS A 289 13.73 16.29 21.65
C LYS A 289 12.44 15.49 21.55
N THR A 290 12.56 14.23 21.15
CA THR A 290 11.41 13.45 20.76
C THR A 290 11.42 12.09 21.42
N LEU A 291 10.27 11.72 22.01
CA LEU A 291 10.00 10.34 22.38
C LEU A 291 9.24 9.62 21.28
N VAL A 292 9.79 8.51 20.80
CA VAL A 292 9.08 7.63 19.90
C VAL A 292 8.66 6.39 20.69
N ILE A 293 7.36 6.24 20.94
CA ILE A 293 6.80 5.08 21.66
C ILE A 293 6.29 4.12 20.61
N GLY A 294 6.75 2.88 20.65
CA GLY A 294 6.47 1.94 19.58
C GLY A 294 7.73 1.32 18.99
N ALA A 295 7.59 0.20 18.27
CA ALA A 295 8.73 -0.42 17.60
C ALA A 295 8.34 -1.01 16.25
N SER A 296 7.21 -0.59 15.69
CA SER A 296 6.84 -0.95 14.35
C SER A 296 7.83 -0.34 13.36
N TYR A 297 7.71 -0.74 12.10
CA TYR A 297 8.56 -0.11 11.08
C TYR A 297 8.34 1.39 11.06
N VAL A 298 7.08 1.83 11.14
CA VAL A 298 6.74 3.27 11.19
C VAL A 298 7.53 3.96 12.31
N ALA A 299 7.69 3.27 13.43
CA ALA A 299 8.34 3.87 14.58
C ALA A 299 9.85 4.00 14.39
N LEU A 300 10.49 3.05 13.71
CA LEU A 300 11.95 3.16 13.62
C LEU A 300 12.34 4.08 12.49
N GLU A 301 11.57 4.01 11.40
CA GLU A 301 11.79 4.87 10.25
C GLU A 301 11.70 6.35 10.65
N CYS A 302 10.68 6.70 11.44
CA CYS A 302 10.52 8.09 11.88
C CYS A 302 11.57 8.49 12.90
N ALA A 303 11.94 7.57 13.79
CA ALA A 303 13.09 7.84 14.64
C ALA A 303 14.33 8.08 13.79
N GLY A 304 14.42 7.38 12.66
CA GLY A 304 15.59 7.43 11.81
C GLY A 304 15.88 8.77 11.16
N PHE A 305 14.92 9.35 10.44
CA PHE A 305 15.27 10.60 9.80
C PHE A 305 15.35 11.74 10.80
N LEU A 306 14.58 11.68 11.90
CA LEU A 306 14.70 12.70 12.95
C LEU A 306 16.12 12.75 13.48
N ALA A 307 16.69 11.59 13.76
CA ALA A 307 18.09 11.53 14.15
C ALA A 307 18.96 12.12 13.04
N SER A 308 18.80 11.65 11.81
CA SER A 308 19.71 12.05 10.75
C SER A 308 19.69 13.56 10.54
N LEU A 309 18.58 14.21 10.83
CA LEU A 309 18.52 15.67 10.79
C LEU A 309 18.81 16.28 12.16
N GLY A 310 19.87 15.78 12.80
CA GLY A 310 20.35 16.32 14.05
C GLY A 310 19.42 16.24 15.25
N GLY A 311 18.22 15.67 15.10
CA GLY A 311 17.34 15.56 16.25
C GLY A 311 17.95 14.71 17.35
N ASP A 312 17.50 14.96 18.57
CA ASP A 312 17.81 14.10 19.72
C ASP A 312 16.61 13.18 19.93
N VAL A 313 16.83 11.89 19.70
CA VAL A 313 15.78 10.91 19.47
C VAL A 313 15.92 9.75 20.46
N THR A 314 14.79 9.24 20.92
CA THR A 314 14.75 8.12 21.83
C THR A 314 13.55 7.25 21.45
N VAL A 315 13.73 5.94 21.44
CA VAL A 315 12.62 5.02 21.17
C VAL A 315 12.39 4.15 22.40
N MET A 316 11.12 3.95 22.76
CA MET A 316 10.77 3.20 23.97
C MET A 316 10.13 1.88 23.53
N VAL A 317 10.87 0.78 23.71
CA VAL A 317 10.48 -0.51 23.12
C VAL A 317 9.80 -1.34 24.19
N ARG A 318 8.48 -1.51 24.04
CA ARG A 318 7.74 -2.49 24.81
C ARG A 318 8.44 -3.84 24.83
N SER A 319 8.38 -4.56 23.70
CA SER A 319 8.74 -5.96 23.65
C SER A 319 9.95 -6.14 22.75
N ILE A 320 9.76 -6.40 21.45
CA ILE A 320 10.84 -6.62 20.49
C ILE A 320 10.83 -5.51 19.45
N LEU A 321 11.87 -5.48 18.63
CA LEU A 321 11.90 -4.61 17.47
C LEU A 321 11.28 -5.34 16.27
N LEU A 322 10.38 -4.66 15.55
CA LEU A 322 9.82 -5.15 14.30
C LEU A 322 9.29 -6.57 14.44
N ARG A 323 8.21 -6.68 15.19
CA ARG A 323 7.60 -7.99 15.39
C ARG A 323 7.07 -8.53 14.05
N GLY A 324 7.39 -9.79 13.74
CA GLY A 324 6.96 -10.42 12.51
C GLY A 324 7.98 -10.41 11.38
N PHE A 325 9.01 -9.58 11.47
CA PHE A 325 10.14 -9.68 10.56
C PHE A 325 11.20 -10.62 11.15
N ASP A 326 12.12 -11.05 10.30
CA ASP A 326 13.28 -11.80 10.78
C ASP A 326 13.88 -11.08 11.97
N GLN A 327 14.19 -11.81 13.02
CA GLN A 327 14.61 -11.10 14.20
C GLN A 327 16.12 -10.90 14.23
N GLN A 328 16.88 -11.71 13.51
CA GLN A 328 18.29 -11.38 13.34
C GLN A 328 18.44 -10.04 12.66
N MET A 329 17.60 -9.79 11.64
CA MET A 329 17.65 -8.54 10.89
C MET A 329 17.10 -7.39 11.72
N ALA A 330 16.02 -7.62 12.45
CA ALA A 330 15.58 -6.70 13.49
C ALA A 330 16.78 -6.22 14.29
N GLU A 331 17.39 -7.13 15.06
CA GLU A 331 18.52 -6.78 15.92
C GLU A 331 19.58 -5.99 15.17
N LYS A 332 19.99 -6.49 14.00
CA LYS A 332 20.99 -5.78 13.19
C LYS A 332 20.49 -4.38 12.82
N VAL A 333 19.23 -4.29 12.34
CA VAL A 333 18.66 -2.99 12.00
C VAL A 333 18.88 -2.02 13.14
N GLY A 334 18.42 -2.39 14.34
CA GLY A 334 18.46 -1.49 15.47
C GLY A 334 19.87 -1.17 15.94
N ASP A 335 20.76 -2.18 15.95
CA ASP A 335 22.14 -1.92 16.34
C ASP A 335 22.81 -0.88 15.45
N TYR A 336 22.48 -0.84 14.15
CA TYR A 336 22.99 0.27 13.37
C TYR A 336 22.50 1.61 13.95
N MET A 337 21.22 1.68 14.35
CA MET A 337 20.65 2.96 14.75
C MET A 337 21.18 3.40 16.10
N GLU A 338 21.35 2.46 17.03
CA GLU A 338 22.04 2.81 18.26
C GLU A 338 23.44 3.30 17.97
N ASN A 339 24.20 2.54 17.17
CA ASN A 339 25.56 2.94 16.88
C ASN A 339 25.64 4.27 16.16
N HIS A 340 24.52 4.77 15.62
CA HIS A 340 24.46 6.05 14.91
C HIS A 340 23.51 7.05 15.58
N GLY A 341 23.41 7.05 16.92
CA GLY A 341 22.68 8.12 17.57
C GLY A 341 21.45 7.72 18.35
N VAL A 342 20.56 6.91 17.78
CA VAL A 342 19.20 6.78 18.31
C VAL A 342 19.23 6.06 19.65
N LYS A 343 18.75 6.71 20.71
CA LYS A 343 18.73 6.07 22.03
C LYS A 343 17.53 5.15 22.15
N PHE A 344 17.76 3.96 22.72
CA PHE A 344 16.69 3.00 22.95
C PHE A 344 16.48 2.76 24.45
N ALA A 345 15.21 2.90 24.89
CA ALA A 345 14.79 2.56 26.25
C ALA A 345 14.17 1.17 26.18
N LYS A 346 14.93 0.18 26.65
CA LYS A 346 14.65 -1.23 26.33
C LYS A 346 13.71 -1.83 27.37
N LEU A 347 12.66 -2.51 26.88
CA LEU A 347 11.67 -3.16 27.74
C LEU A 347 11.02 -2.16 28.69
N CYS A 348 10.15 -1.32 28.11
CA CYS A 348 9.73 -0.09 28.78
C CYS A 348 8.42 0.38 28.16
N VAL A 349 7.66 1.15 28.93
CA VAL A 349 6.24 1.32 28.58
C VAL A 349 5.67 2.56 29.27
N PRO A 350 4.92 3.41 28.57
CA PRO A 350 4.48 4.68 29.17
C PRO A 350 3.34 4.47 30.16
N ASP A 351 3.31 5.35 31.16
CA ASP A 351 2.19 5.39 32.10
C ASP A 351 1.33 6.65 31.96
N GLU A 352 1.94 7.82 31.70
CA GLU A 352 1.18 9.05 31.57
C GLU A 352 2.07 10.15 31.02
N ILE A 353 1.44 11.08 30.29
CA ILE A 353 2.08 12.29 29.77
C ILE A 353 1.49 13.49 30.50
N LYS A 354 2.36 14.29 31.11
CA LYS A 354 1.95 15.56 31.66
C LYS A 354 2.57 16.67 30.83
N GLN A 355 2.02 17.87 30.96
CA GLN A 355 2.38 19.01 30.15
C GLN A 355 3.10 20.03 30.99
N LEU A 356 4.23 20.52 30.49
CA LEU A 356 4.97 21.57 31.17
C LEU A 356 4.90 22.89 30.42
N LYS A 357 4.85 22.85 29.09
CA LYS A 357 4.67 24.03 28.25
C LYS A 357 3.68 23.71 27.14
N VAL A 358 2.80 24.67 26.83
CA VAL A 358 1.83 24.54 25.75
C VAL A 358 2.54 24.85 24.44
N VAL A 359 2.07 24.23 23.35
CA VAL A 359 2.59 24.54 22.02
C VAL A 359 2.44 26.02 21.73
N ASP A 360 3.54 26.69 21.32
CA ASP A 360 3.54 28.14 21.03
C ASP A 360 3.43 28.38 19.53
N THR A 361 2.20 28.58 19.07
CA THR A 361 1.90 28.63 17.64
C THR A 361 2.07 30.01 17.04
N GLU A 362 2.91 30.86 17.63
CA GLU A 362 3.33 32.06 16.93
C GLU A 362 4.78 31.93 16.47
N ASN A 363 5.65 31.46 17.37
CA ASN A 363 7.10 31.39 17.17
C ASN A 363 7.54 30.08 16.51
N ASN A 364 6.62 29.19 16.15
CA ASN A 364 6.97 27.89 15.60
C ASN A 364 7.87 27.15 16.57
N LYS A 365 7.37 26.96 17.79
CA LYS A 365 8.14 26.26 18.80
C LYS A 365 7.24 25.23 19.49
N PRO A 366 7.79 24.09 19.88
CA PRO A 366 6.98 23.10 20.58
C PRO A 366 6.80 23.42 22.06
N GLY A 367 5.83 22.75 22.67
CA GLY A 367 5.71 22.78 24.11
C GLY A 367 6.86 22.04 24.77
N LEU A 368 6.55 21.39 25.89
CA LEU A 368 7.49 20.54 26.60
C LEU A 368 6.69 19.59 27.49
N LEU A 369 7.20 18.37 27.65
CA LEU A 369 6.45 17.30 28.28
C LEU A 369 7.28 16.59 29.35
N LEU A 370 6.57 15.98 30.29
CA LEU A 370 7.13 15.05 31.25
C LEU A 370 6.50 13.67 31.02
N VAL A 371 7.33 12.69 30.68
CA VAL A 371 6.87 11.35 30.38
C VAL A 371 7.12 10.49 31.62
N LYS A 372 6.10 9.74 32.03
CA LYS A 372 6.20 8.88 33.20
C LYS A 372 5.86 7.46 32.79
N GLY A 373 6.77 6.54 33.06
CA GLY A 373 6.57 5.16 32.66
C GLY A 373 7.44 4.28 33.53
N HIS A 374 7.38 2.98 33.26
CA HIS A 374 8.06 2.02 34.12
C HIS A 374 8.73 0.94 33.27
N TYR A 375 9.77 0.33 33.86
CA TYR A 375 10.41 -0.83 33.26
C TYR A 375 9.71 -2.10 33.70
N THR A 376 9.80 -3.13 32.85
CA THR A 376 9.14 -4.39 33.16
C THR A 376 9.75 -5.06 34.38
N ASP A 377 11.02 -4.78 34.68
CA ASP A 377 11.66 -5.34 35.86
C ASP A 377 11.29 -4.61 37.15
N GLY A 378 10.59 -3.49 37.05
CA GLY A 378 10.31 -2.68 38.22
C GLY A 378 10.71 -1.22 38.10
N LYS A 379 11.97 -0.94 37.74
CA LYS A 379 12.52 0.41 37.77
C LYS A 379 11.58 1.44 37.13
N LYS A 380 11.73 2.69 37.53
CA LYS A 380 10.89 3.74 37.00
C LYS A 380 11.43 4.27 35.68
N PHE A 381 10.58 5.02 34.98
CA PHE A 381 10.99 5.82 33.84
C PHE A 381 10.40 7.22 33.98
N GLU A 382 11.27 8.22 33.99
CA GLU A 382 10.83 9.61 34.09
C GLU A 382 11.83 10.45 33.31
N GLU A 383 11.34 11.23 32.35
CA GLU A 383 12.23 12.09 31.55
C GLU A 383 11.39 13.07 30.74
N GLU A 384 11.97 14.24 30.47
CA GLU A 384 11.30 15.33 29.76
C GLU A 384 11.60 15.25 28.26
N PHE A 385 10.67 15.79 27.45
CA PHE A 385 10.70 15.67 25.99
C PHE A 385 9.89 16.79 25.35
N GLU A 386 10.38 17.33 24.22
CA GLU A 386 9.68 18.40 23.53
C GLU A 386 8.51 17.90 22.67
N THR A 387 8.61 16.69 22.11
CA THR A 387 7.54 16.12 21.31
C THR A 387 7.43 14.61 21.55
N VAL A 388 6.20 14.10 21.59
CA VAL A 388 5.94 12.69 21.86
C VAL A 388 5.11 12.12 20.72
N ILE A 389 5.67 11.18 19.97
CA ILE A 389 5.02 10.59 18.80
C ILE A 389 4.62 9.16 19.12
N PHE A 390 3.31 8.90 19.08
CA PHE A 390 2.80 7.55 19.33
C PHE A 390 2.70 6.81 18.01
N ALA A 391 3.22 5.60 17.97
CA ALA A 391 3.16 4.78 16.76
C ALA A 391 3.05 3.33 17.24
N VAL A 392 1.85 2.98 17.67
CA VAL A 392 1.62 1.72 18.37
C VAL A 392 0.62 0.85 17.61
N GLY A 393 0.34 1.17 16.37
CA GLY A 393 -0.61 0.39 15.61
C GLY A 393 -1.68 1.18 14.86
N ARG A 394 -2.13 0.62 13.75
CA ARG A 394 -3.23 1.19 13.02
C ARG A 394 -4.40 0.22 13.08
N GLU A 395 -5.59 0.76 12.89
CA GLU A 395 -6.81 -0.02 13.03
C GLU A 395 -7.89 0.62 12.19
N PRO A 396 -8.79 -0.17 11.61
CA PRO A 396 -9.96 0.39 10.92
C PRO A 396 -11.04 0.78 11.92
N GLN A 397 -11.99 1.55 11.41
CA GLN A 397 -13.14 1.96 12.21
C GLN A 397 -14.40 1.77 11.36
N LEU A 398 -14.76 0.51 11.18
CA LEU A 398 -15.83 0.17 10.24
C LEU A 398 -17.22 0.49 10.77
N SER A 399 -17.38 0.59 12.09
CA SER A 399 -18.70 0.94 12.62
C SER A 399 -19.16 2.31 12.14
N LYS A 400 -18.22 3.26 11.98
CA LYS A 400 -18.53 4.58 11.42
C LYS A 400 -18.98 4.50 9.98
N VAL A 401 -18.75 3.36 9.31
CA VAL A 401 -18.84 3.29 7.86
C VAL A 401 -19.88 2.26 7.45
N LEU A 402 -20.04 1.21 8.26
CA LEU A 402 -20.78 0.01 7.87
C LEU A 402 -21.77 -0.37 8.97
N CYS A 403 -23.04 0.06 8.81
CA CYS A 403 -24.10 -0.31 9.75
C CYS A 403 -24.15 -1.82 9.92
N GLU A 404 -24.00 -2.28 11.16
CA GLU A 404 -23.93 -3.73 11.43
C GLU A 404 -25.15 -4.49 10.90
N THR A 405 -26.24 -3.76 10.61
CA THR A 405 -27.47 -4.38 10.18
C THR A 405 -27.42 -4.90 8.75
N VAL A 406 -26.54 -4.38 7.89
CA VAL A 406 -26.57 -4.78 6.49
C VAL A 406 -26.15 -6.24 6.34
N GLY A 407 -25.10 -6.65 7.04
CA GLY A 407 -24.71 -8.05 7.04
C GLY A 407 -23.38 -8.37 6.40
N VAL A 408 -22.34 -7.61 6.76
CA VAL A 408 -20.99 -7.88 6.31
C VAL A 408 -20.19 -8.38 7.51
N LYS A 409 -19.49 -9.51 7.32
CA LYS A 409 -18.87 -10.24 8.42
C LYS A 409 -17.49 -9.66 8.72
N LEU A 410 -17.38 -8.96 9.84
CA LEU A 410 -16.07 -8.51 10.30
C LEU A 410 -15.42 -9.59 11.16
N ASP A 411 -14.10 -9.51 11.27
CA ASP A 411 -13.37 -10.49 12.06
C ASP A 411 -13.31 -10.01 13.51
N LYS A 412 -12.34 -10.50 14.27
CA LYS A 412 -12.22 -10.04 15.65
C LYS A 412 -11.41 -8.74 15.73
N ASN A 413 -10.40 -8.59 14.88
CA ASN A 413 -9.60 -7.36 14.89
C ASN A 413 -10.45 -6.15 14.56
N GLY A 414 -11.23 -6.24 13.47
CA GLY A 414 -12.05 -5.14 13.01
C GLY A 414 -12.13 -5.15 11.51
N ARG A 415 -11.38 -6.08 10.92
CA ARG A 415 -11.23 -6.18 9.47
C ARG A 415 -12.30 -7.08 8.87
N VAL A 416 -12.38 -7.07 7.53
CA VAL A 416 -13.48 -7.73 6.81
C VAL A 416 -13.00 -9.09 6.33
N VAL A 417 -13.95 -10.03 6.28
CA VAL A 417 -13.70 -11.38 5.81
C VAL A 417 -14.12 -11.46 4.35
N CYS A 418 -13.19 -11.84 3.49
CA CYS A 418 -13.44 -11.87 2.06
C CYS A 418 -12.92 -13.18 1.48
N THR A 419 -13.65 -13.71 0.50
CA THR A 419 -13.15 -14.80 -0.32
C THR A 419 -11.97 -14.34 -1.17
N ASP A 420 -11.37 -15.29 -1.89
CA ASP A 420 -10.13 -14.85 -2.51
C ASP A 420 -10.35 -13.91 -3.72
N ASP A 421 -11.59 -13.49 -3.97
CA ASP A 421 -11.90 -12.48 -4.97
C ASP A 421 -12.37 -11.17 -4.33
N GLU A 422 -12.10 -10.98 -3.03
CA GLU A 422 -12.34 -9.74 -2.28
C GLU A 422 -13.79 -9.57 -1.84
N GLN A 423 -14.60 -10.64 -1.83
CA GLN A 423 -16.05 -10.51 -1.68
C GLN A 423 -16.50 -10.57 -0.23
N THR A 424 -17.45 -9.72 0.13
CA THR A 424 -18.02 -9.76 1.47
C THR A 424 -19.22 -10.69 1.48
N THR A 425 -19.70 -10.99 2.69
CA THR A 425 -20.83 -11.89 2.85
C THR A 425 -22.11 -11.40 2.19
N VAL A 426 -22.18 -10.12 1.78
CA VAL A 426 -23.21 -9.62 0.87
C VAL A 426 -22.62 -9.61 -0.53
N SER A 427 -23.40 -10.09 -1.51
CA SER A 427 -22.82 -10.49 -2.79
C SER A 427 -22.42 -9.29 -3.66
N ASN A 428 -23.11 -8.15 -3.52
CA ASN A 428 -22.86 -6.96 -4.30
C ASN A 428 -21.83 -6.05 -3.65
N VAL A 429 -21.22 -6.47 -2.56
CA VAL A 429 -20.25 -5.64 -1.86
C VAL A 429 -18.89 -6.35 -1.91
N TYR A 430 -17.82 -5.55 -1.96
CA TYR A 430 -16.46 -6.09 -1.87
C TYR A 430 -15.58 -5.15 -1.04
N ALA A 431 -14.46 -5.69 -0.56
CA ALA A 431 -13.50 -4.90 0.19
C ALA A 431 -12.09 -5.19 -0.31
N ILE A 432 -11.23 -4.17 -0.22
CA ILE A 432 -9.82 -4.22 -0.66
C ILE A 432 -9.00 -3.37 0.31
N GLY A 433 -7.69 -3.32 0.08
CA GLY A 433 -6.87 -2.46 0.91
C GLY A 433 -6.71 -3.01 2.31
N ASP A 434 -6.48 -2.09 3.27
CA ASP A 434 -6.05 -2.47 4.62
C ASP A 434 -7.13 -3.16 5.43
N ILE A 435 -8.40 -3.06 5.01
CA ILE A 435 -9.51 -3.67 5.75
C ILE A 435 -9.81 -5.09 5.27
N ASN A 436 -9.19 -5.55 4.18
CA ASN A 436 -9.12 -6.97 3.89
C ASN A 436 -8.36 -7.65 5.02
N ALA A 437 -8.88 -8.77 5.52
CA ALA A 437 -8.27 -9.38 6.69
C ALA A 437 -7.05 -10.21 6.29
N GLY A 438 -6.07 -10.26 7.20
CA GLY A 438 -4.92 -11.15 7.03
C GLY A 438 -4.19 -11.00 5.72
N LYS A 439 -4.31 -9.86 5.07
CA LYS A 439 -3.60 -9.56 3.84
C LYS A 439 -2.43 -8.62 4.09
N PRO A 440 -1.47 -8.55 3.17
CA PRO A 440 -0.42 -7.52 3.27
C PRO A 440 -1.00 -6.12 3.23
N GLN A 441 -0.61 -5.30 4.18
CA GLN A 441 -1.13 -3.93 4.26
C GLN A 441 -0.21 -2.93 3.53
N LEU A 442 -0.09 -3.11 2.22
CA LEU A 442 0.87 -2.36 1.42
C LEU A 442 0.18 -1.63 0.27
N THR A 443 0.67 -0.43 -0.04
CA THR A 443 0.00 0.37 -1.07
C THR A 443 -0.04 -0.31 -2.43
N PRO A 444 1.03 -0.91 -2.95
CA PRO A 444 0.91 -1.56 -4.27
C PRO A 444 0.05 -2.81 -4.24
N VAL A 445 -0.10 -3.44 -3.06
CA VAL A 445 -1.03 -4.56 -2.90
C VAL A 445 -2.46 -4.10 -3.09
N ALA A 446 -2.85 -3.04 -2.37
CA ALA A 446 -4.16 -2.42 -2.60
C ALA A 446 -4.36 -2.12 -4.07
N ILE A 447 -3.38 -1.45 -4.70
CA ILE A 447 -3.50 -1.10 -6.11
C ILE A 447 -3.73 -2.37 -6.94
N GLN A 448 -3.03 -3.45 -6.60
CA GLN A 448 -3.16 -4.67 -7.39
C GLN A 448 -4.57 -5.26 -7.28
N ALA A 449 -5.16 -5.20 -6.08
CA ALA A 449 -6.49 -5.76 -5.87
C ALA A 449 -7.55 -4.92 -6.58
N GLY A 450 -7.52 -3.61 -6.38
CA GLY A 450 -8.49 -2.72 -6.98
C GLY A 450 -8.50 -2.71 -8.50
N ARG A 451 -7.38 -3.05 -9.14
CA ARG A 451 -7.42 -3.04 -10.59
C ARG A 451 -7.95 -4.37 -11.11
N TYR A 452 -7.44 -5.49 -10.58
CA TYR A 452 -7.89 -6.80 -11.04
C TYR A 452 -9.37 -7.03 -10.72
N LEU A 453 -9.87 -6.51 -9.58
CA LEU A 453 -11.28 -6.64 -9.24
C LEU A 453 -12.15 -5.81 -10.18
N ALA A 454 -11.76 -4.57 -10.45
CA ALA A 454 -12.49 -3.76 -11.42
C ALA A 454 -12.69 -4.54 -12.71
N ARG A 455 -11.61 -5.07 -13.28
CA ARG A 455 -11.69 -5.71 -14.59
C ARG A 455 -12.57 -6.95 -14.59
N ARG A 456 -12.84 -7.56 -13.43
CA ARG A 456 -13.68 -8.75 -13.41
C ARG A 456 -15.15 -8.39 -13.25
N LEU A 457 -15.45 -7.24 -12.64
CA LEU A 457 -16.83 -6.82 -12.47
C LEU A 457 -17.40 -6.28 -13.76
N PHE A 458 -16.58 -5.56 -14.52
CA PHE A 458 -17.08 -4.84 -15.67
C PHE A 458 -16.40 -5.24 -16.97
N ALA A 459 -15.60 -6.32 -16.99
CA ALA A 459 -14.97 -6.69 -18.24
C ALA A 459 -14.81 -8.20 -18.47
N GLY A 460 -15.37 -9.07 -17.63
CA GLY A 460 -15.19 -10.49 -17.88
C GLY A 460 -13.81 -11.05 -17.57
N ALA A 461 -12.92 -10.29 -16.93
CA ALA A 461 -11.63 -10.84 -16.57
C ALA A 461 -11.81 -11.93 -15.53
N THR A 462 -10.84 -12.85 -15.49
CA THR A 462 -10.82 -13.92 -14.49
C THR A 462 -9.62 -13.84 -13.54
N GLU A 463 -8.69 -12.94 -13.79
CA GLU A 463 -7.44 -12.90 -13.04
C GLU A 463 -7.65 -12.52 -11.56
N LEU A 464 -7.16 -13.35 -10.66
CA LEU A 464 -7.12 -13.02 -9.25
C LEU A 464 -5.81 -12.30 -8.90
N THR A 465 -5.77 -11.76 -7.68
CA THR A 465 -4.56 -11.18 -7.10
C THR A 465 -3.82 -12.22 -6.25
N ASP A 466 -2.51 -12.37 -6.44
CA ASP A 466 -1.74 -13.34 -5.67
C ASP A 466 -1.14 -12.62 -4.47
N TYR A 467 -1.62 -12.98 -3.27
CA TYR A 467 -1.26 -12.24 -2.06
C TYR A 467 0.02 -12.74 -1.40
N SER A 468 0.67 -13.76 -1.95
CA SER A 468 1.76 -14.46 -1.29
C SER A 468 3.10 -13.90 -1.73
N ASN A 469 4.08 -13.94 -0.82
CA ASN A 469 5.48 -13.69 -1.12
C ASN A 469 5.76 -12.24 -1.53
N VAL A 470 5.01 -11.30 -0.94
CA VAL A 470 5.07 -9.89 -1.33
C VAL A 470 6.28 -9.21 -0.68
N ALA A 471 7.13 -8.61 -1.52
CA ALA A 471 8.42 -8.08 -1.09
C ALA A 471 8.24 -6.81 -0.28
N THR A 472 9.11 -6.61 0.71
CA THR A 472 8.99 -5.47 1.60
C THR A 472 10.36 -4.84 1.82
N THR A 473 10.36 -3.57 2.20
CA THR A 473 11.57 -2.89 2.62
C THR A 473 11.24 -1.88 3.71
N VAL A 474 12.09 -1.83 4.73
CA VAL A 474 12.01 -0.81 5.76
C VAL A 474 13.09 0.22 5.49
N PHE A 475 12.72 1.50 5.48
CA PHE A 475 13.61 2.61 5.13
C PHE A 475 14.16 3.32 6.37
N THR A 476 14.77 2.48 7.21
CA THR A 476 15.61 2.84 8.35
C THR A 476 16.99 3.35 7.88
N PRO A 477 17.71 4.08 8.75
CA PRO A 477 19.07 4.57 8.37
C PRO A 477 19.88 3.60 7.53
N LEU A 478 19.96 2.34 7.95
CA LEU A 478 20.36 1.27 7.04
C LEU A 478 19.07 0.63 6.54
N GLU A 479 18.98 0.37 5.25
CA GLU A 479 17.71 -0.10 4.72
C GLU A 479 17.68 -1.62 4.78
N TYR A 480 16.51 -2.17 5.08
CA TYR A 480 16.33 -3.61 5.12
C TYR A 480 15.21 -4.00 4.16
N GLY A 481 15.52 -4.86 3.18
CA GLY A 481 14.54 -5.36 2.24
C GLY A 481 14.41 -6.86 2.33
N ALA A 482 13.21 -7.36 2.09
CA ALA A 482 12.91 -8.74 2.46
C ALA A 482 12.01 -9.38 1.43
N CYS A 483 12.13 -10.71 1.28
CA CYS A 483 11.18 -11.47 0.48
C CYS A 483 11.04 -12.89 1.03
N GLY A 484 9.82 -13.29 1.37
CA GLY A 484 9.53 -14.67 1.74
C GLY A 484 9.44 -14.89 3.23
N LEU A 485 9.58 -16.15 3.64
CA LEU A 485 9.60 -16.45 5.06
C LEU A 485 10.87 -15.91 5.71
N SER A 486 10.75 -15.56 6.99
CA SER A 486 11.92 -15.25 7.82
C SER A 486 12.46 -16.52 8.44
N GLU A 487 13.76 -16.50 8.76
CA GLU A 487 14.48 -17.72 9.09
C GLU A 487 13.73 -18.54 10.15
N GLU A 488 13.28 -17.88 11.22
CA GLU A 488 12.70 -18.59 12.36
C GLU A 488 11.42 -19.33 11.97
N ASP A 489 10.58 -18.70 11.14
CA ASP A 489 9.37 -19.39 10.67
C ASP A 489 9.71 -20.61 9.85
N ALA A 490 10.64 -20.46 8.90
CA ALA A 490 10.96 -21.54 7.97
C ALA A 490 11.60 -22.74 8.67
N ILE A 491 12.12 -22.56 9.89
CA ILE A 491 12.40 -23.72 10.73
C ILE A 491 11.11 -24.29 11.27
N GLU A 492 10.31 -23.45 11.94
CA GLU A 492 9.06 -23.83 12.60
C GLU A 492 8.09 -24.54 11.65
N LYS A 493 8.39 -24.63 10.36
CA LYS A 493 7.51 -25.28 9.40
C LYS A 493 8.10 -26.53 8.77
N TYR A 494 9.41 -26.66 8.69
CA TYR A 494 9.99 -27.85 8.10
C TYR A 494 11.07 -28.45 8.97
N GLY A 495 11.44 -27.80 10.07
CA GLY A 495 12.38 -28.42 10.96
C GLY A 495 13.80 -28.06 10.59
N ASP A 496 14.61 -27.82 11.63
CA ASP A 496 15.98 -27.34 11.46
C ASP A 496 16.76 -28.19 10.47
N LYS A 497 16.64 -29.50 10.55
CA LYS A 497 17.42 -30.37 9.70
C LYS A 497 17.19 -30.09 8.22
N ASP A 498 15.98 -29.68 7.87
CA ASP A 498 15.61 -29.47 6.48
C ASP A 498 16.00 -28.08 5.96
N ILE A 499 16.52 -27.21 6.82
CA ILE A 499 16.82 -25.84 6.43
C ILE A 499 18.34 -25.64 6.37
N GLU A 500 18.81 -25.19 5.20
CA GLU A 500 20.16 -24.67 5.00
C GLU A 500 20.06 -23.17 4.74
N VAL A 501 21.04 -22.42 5.26
CA VAL A 501 21.07 -20.96 5.15
C VAL A 501 22.43 -20.54 4.66
N TYR A 502 22.46 -19.68 3.67
CA TYR A 502 23.68 -19.12 3.12
C TYR A 502 23.74 -17.67 3.55
N HIS A 503 24.85 -17.23 4.12
CA HIS A 503 24.89 -15.86 4.62
C HIS A 503 26.27 -15.28 4.38
N SER A 504 26.36 -13.94 4.41
CA SER A 504 27.57 -13.20 4.07
C SER A 504 27.45 -11.75 4.51
N ASN A 505 28.55 -11.22 5.03
CA ASN A 505 28.75 -9.77 5.17
C ASN A 505 29.14 -9.17 3.81
N PHE A 506 29.30 -7.83 3.76
CA PHE A 506 29.84 -7.12 2.59
C PHE A 506 29.99 -5.63 2.90
N LYS A 507 30.43 -4.88 1.87
CA LYS A 507 30.71 -3.46 2.02
C LYS A 507 30.56 -2.76 0.69
N PRO A 508 29.65 -1.79 0.56
CA PRO A 508 29.51 -1.08 -0.73
C PRO A 508 30.83 -0.47 -1.16
N LEU A 509 31.16 -0.56 -2.45
CA LEU A 509 32.40 0.05 -2.90
C LEU A 509 32.44 1.52 -2.52
N GLU A 510 31.29 2.19 -2.51
CA GLU A 510 31.25 3.61 -2.14
C GLU A 510 31.77 3.84 -0.71
N TRP A 511 31.47 2.93 0.22
CA TRP A 511 31.91 3.12 1.61
C TRP A 511 33.41 2.97 1.78
N THR A 512 34.14 2.55 0.74
CA THR A 512 35.57 2.28 0.90
C THR A 512 36.34 3.58 1.11
N VAL A 513 36.21 4.52 0.18
CA VAL A 513 36.93 5.78 0.31
C VAL A 513 36.34 6.62 1.45
N ALA A 514 35.05 6.45 1.72
CA ALA A 514 34.40 7.23 2.76
C ALA A 514 34.79 6.77 4.15
N HIS A 515 35.43 5.61 4.28
CA HIS A 515 35.92 5.09 5.56
C HIS A 515 34.77 4.64 6.47
N ARG A 516 33.69 4.12 5.88
CA ARG A 516 32.57 3.56 6.62
C ARG A 516 32.89 2.13 7.06
N GLU A 517 31.91 1.42 7.55
CA GLU A 517 32.17 0.24 8.35
C GLU A 517 32.43 -1.02 7.51
N ASP A 518 33.29 -1.91 8.06
CA ASP A 518 33.71 -3.13 7.34
C ASP A 518 32.63 -4.22 7.34
N ASN A 519 31.83 -4.34 8.40
CA ASN A 519 30.99 -5.53 8.53
C ASN A 519 29.61 -5.23 9.11
N VAL A 520 28.90 -4.26 8.55
CA VAL A 520 27.53 -4.01 8.98
C VAL A 520 26.53 -4.59 8.01
N CYS A 521 26.77 -4.41 6.71
CA CYS A 521 25.89 -4.95 5.69
C CYS A 521 25.88 -6.48 5.76
N TYR A 522 24.73 -7.07 5.47
CA TYR A 522 24.53 -8.50 5.68
C TYR A 522 23.49 -8.97 4.67
N MET A 523 23.57 -10.26 4.31
CA MET A 523 22.48 -10.80 3.50
C MET A 523 22.45 -12.32 3.61
N LYS A 524 21.28 -12.90 3.34
CA LYS A 524 21.14 -14.33 3.57
C LYS A 524 20.05 -14.92 2.69
N LEU A 525 20.27 -16.18 2.30
CA LEU A 525 19.27 -17.02 1.62
C LEU A 525 18.84 -18.16 2.52
N VAL A 526 17.54 -18.32 2.73
CA VAL A 526 17.01 -19.41 3.54
C VAL A 526 16.31 -20.38 2.58
N CYS A 527 16.97 -21.48 2.28
CA CYS A 527 16.47 -22.48 1.34
C CYS A 527 16.11 -23.78 2.07
N ARG A 528 15.28 -24.59 1.40
CA ARG A 528 14.84 -25.89 1.93
C ARG A 528 15.60 -27.03 1.29
N LYS A 529 16.37 -27.76 2.11
CA LYS A 529 17.16 -28.88 1.62
C LYS A 529 16.31 -29.83 0.76
N SER A 530 15.25 -30.40 1.32
CA SER A 530 14.55 -31.50 0.64
C SER A 530 13.95 -31.06 -0.71
N ASP A 531 13.39 -29.86 -0.80
CA ASP A 531 12.71 -29.43 -2.03
C ASP A 531 13.68 -28.76 -3.00
N ASN A 532 14.77 -29.45 -3.31
CA ASN A 532 15.74 -28.97 -4.30
C ASN A 532 16.43 -27.68 -3.87
N MET A 533 16.55 -27.47 -2.55
CA MET A 533 17.26 -26.31 -1.98
C MET A 533 16.54 -25.01 -2.34
N ARG A 534 15.19 -25.06 -2.36
CA ARG A 534 14.37 -23.97 -2.88
C ARG A 534 14.44 -22.73 -2.00
N VAL A 535 14.64 -21.57 -2.62
CA VAL A 535 14.80 -20.35 -1.83
C VAL A 535 13.46 -20.01 -1.19
N LEU A 536 13.37 -20.14 0.16
CA LEU A 536 12.15 -19.86 0.91
C LEU A 536 12.05 -18.41 1.36
N GLY A 537 13.18 -17.76 1.62
CA GLY A 537 13.18 -16.34 1.95
C GLY A 537 14.54 -15.73 1.68
N LEU A 538 14.53 -14.43 1.50
CA LEU A 538 15.72 -13.70 1.10
C LEU A 538 15.76 -12.41 1.91
N HIS A 539 16.97 -12.03 2.37
CA HIS A 539 17.09 -10.88 3.26
C HIS A 539 18.37 -10.11 2.97
N VAL A 540 18.29 -8.79 3.10
CA VAL A 540 19.45 -7.94 2.83
C VAL A 540 19.36 -6.71 3.70
N LEU A 541 20.48 -6.34 4.31
CA LEU A 541 20.61 -5.05 4.99
C LEU A 541 21.83 -4.32 4.44
N GLY A 542 21.57 -3.15 3.83
CA GLY A 542 22.55 -2.28 3.20
C GLY A 542 21.84 -1.16 2.43
N PRO A 543 22.58 -0.41 1.64
CA PRO A 543 21.96 0.71 0.91
C PRO A 543 21.10 0.20 -0.23
N ASN A 544 20.00 0.94 -0.53
CA ASN A 544 19.20 0.69 -1.74
C ASN A 544 18.52 -0.68 -1.74
N ALA A 545 18.13 -1.15 -0.53
CA ALA A 545 17.52 -2.46 -0.40
C ALA A 545 16.29 -2.64 -1.29
N GLY A 546 15.48 -1.57 -1.46
CA GLY A 546 14.30 -1.64 -2.31
C GLY A 546 14.66 -2.02 -3.74
N GLU A 547 15.53 -1.23 -4.37
CA GLU A 547 16.04 -1.59 -5.69
C GLU A 547 16.63 -3.00 -5.67
N ILE A 548 17.43 -3.31 -4.64
CA ILE A 548 18.13 -4.60 -4.65
C ILE A 548 17.13 -5.76 -4.57
N THR A 549 16.06 -5.57 -3.80
CA THR A 549 15.14 -6.69 -3.58
C THR A 549 14.24 -6.92 -4.80
N GLN A 550 13.64 -5.85 -5.34
CA GLN A 550 12.42 -6.00 -6.13
C GLN A 550 12.58 -7.02 -7.24
N GLY A 551 13.72 -6.98 -7.94
CA GLY A 551 13.98 -7.96 -8.98
C GLY A 551 13.92 -9.40 -8.49
N TYR A 552 14.45 -9.66 -7.30
CA TYR A 552 14.37 -11.04 -6.88
C TYR A 552 12.96 -11.46 -6.46
N ALA A 553 12.02 -10.52 -6.39
CA ALA A 553 10.64 -10.93 -6.16
C ALA A 553 10.07 -11.75 -7.31
N VAL A 554 10.67 -11.65 -8.49
CA VAL A 554 10.13 -12.34 -9.67
C VAL A 554 10.63 -13.77 -9.71
N ALA A 555 11.95 -13.93 -9.67
CA ALA A 555 12.54 -15.26 -9.61
C ALA A 555 11.84 -16.09 -8.56
N ILE A 556 11.56 -15.49 -7.40
CA ILE A 556 11.00 -16.25 -6.30
C ILE A 556 9.55 -16.61 -6.61
N LYS A 557 8.79 -15.67 -7.19
CA LYS A 557 7.43 -16.01 -7.54
C LYS A 557 7.38 -17.13 -8.56
N MET A 558 8.45 -17.33 -9.34
CA MET A 558 8.53 -18.51 -10.18
C MET A 558 9.12 -19.71 -9.45
N GLY A 559 9.48 -19.57 -8.18
CA GLY A 559 10.06 -20.67 -7.42
C GLY A 559 11.53 -20.96 -7.63
N ALA A 560 12.41 -20.01 -7.33
CA ALA A 560 13.82 -20.17 -7.62
C ALA A 560 14.50 -21.01 -6.55
N THR A 561 15.51 -21.75 -6.97
CA THR A 561 16.35 -22.53 -6.06
C THR A 561 17.73 -21.91 -5.99
N LYS A 562 18.53 -22.35 -5.01
CA LYS A 562 19.88 -21.81 -4.89
C LYS A 562 20.66 -21.94 -6.18
N ALA A 563 20.58 -23.09 -6.85
CA ALA A 563 21.36 -23.30 -8.07
C ALA A 563 21.07 -22.24 -9.14
N ASP A 564 19.84 -21.72 -9.20
CA ASP A 564 19.54 -20.61 -10.09
C ASP A 564 20.40 -19.40 -9.76
N PHE A 565 20.58 -19.12 -8.46
CA PHE A 565 21.46 -18.04 -8.02
C PHE A 565 22.91 -18.32 -8.37
N ASP A 566 23.33 -19.58 -8.23
CA ASP A 566 24.72 -19.93 -8.48
C ASP A 566 25.07 -19.75 -9.95
N ARG A 567 24.20 -20.24 -10.84
CA ARG A 567 24.50 -20.20 -12.27
C ARG A 567 24.32 -18.81 -12.88
N THR A 568 23.56 -17.92 -12.25
CA THR A 568 23.44 -16.58 -12.80
C THR A 568 24.65 -15.72 -12.43
N ILE A 569 25.00 -14.81 -13.35
CA ILE A 569 26.20 -13.98 -13.33
C ILE A 569 25.90 -12.62 -12.75
N GLY A 570 26.86 -12.07 -12.05
CA GLY A 570 26.68 -10.81 -11.36
C GLY A 570 27.14 -9.62 -12.17
N ILE A 571 26.66 -8.45 -11.74
CA ILE A 571 27.06 -7.12 -12.20
C ILE A 571 28.03 -6.54 -11.16
N HIS A 572 29.09 -5.89 -11.62
CA HIS A 572 30.21 -5.51 -10.72
C HIS A 572 30.79 -4.17 -11.15
N PRO A 573 31.07 -3.27 -10.21
CA PRO A 573 30.78 -3.38 -8.77
C PRO A 573 29.32 -2.99 -8.43
N THR A 574 28.54 -3.90 -7.85
CA THR A 574 27.29 -3.55 -7.17
C THR A 574 27.27 -4.28 -5.84
N CYS A 575 26.30 -3.90 -5.00
CA CYS A 575 26.04 -4.67 -3.78
C CYS A 575 25.29 -5.95 -4.12
N SER A 576 24.39 -5.85 -5.11
CA SER A 576 23.44 -6.93 -5.38
C SER A 576 24.13 -8.19 -5.85
N GLU A 577 25.34 -8.08 -6.39
CA GLU A 577 26.09 -9.20 -6.96
C GLU A 577 26.65 -10.18 -5.92
N THR A 578 26.60 -9.85 -4.63
CA THR A 578 26.93 -10.82 -3.60
C THR A 578 26.01 -12.04 -3.61
N PHE A 579 24.75 -11.85 -4.03
CA PHE A 579 23.76 -12.94 -3.99
C PHE A 579 24.09 -14.06 -4.97
N THR A 580 24.76 -13.73 -6.07
CA THR A 580 25.09 -14.74 -7.06
C THR A 580 26.25 -15.65 -6.64
N THR A 581 27.05 -15.28 -5.61
CA THR A 581 28.26 -16.02 -5.26
C THR A 581 28.29 -16.53 -3.82
N LEU A 582 27.13 -16.68 -3.16
CA LEU A 582 27.15 -17.14 -1.78
C LEU A 582 27.67 -18.56 -1.67
N HIS A 583 28.33 -18.87 -0.53
CA HIS A 583 28.71 -20.25 -0.26
C HIS A 583 28.76 -20.64 1.22
N VAL A 584 29.11 -19.71 2.11
CA VAL A 584 29.23 -20.07 3.52
C VAL A 584 27.86 -20.31 4.13
N THR A 585 27.68 -21.46 4.77
CA THR A 585 26.43 -21.86 5.41
C THR A 585 26.51 -21.58 6.90
N LYS A 586 25.37 -21.19 7.48
CA LYS A 586 25.27 -21.11 8.93
C LYS A 586 25.64 -22.45 9.57
N LYS A 587 25.12 -23.55 9.05
CA LYS A 587 25.48 -24.86 9.58
C LYS A 587 27.00 -25.05 9.66
N SER A 588 27.72 -24.70 8.59
CA SER A 588 29.15 -24.94 8.58
C SER A 588 29.83 -24.29 9.77
N GLY A 589 29.34 -23.11 10.18
CA GLY A 589 30.00 -22.34 11.21
C GLY A 589 31.13 -21.45 10.72
N VAL A 590 31.50 -21.52 9.44
CA VAL A 590 32.50 -20.61 8.93
C VAL A 590 32.00 -19.18 9.07
N SER A 591 32.92 -18.29 9.44
CA SER A 591 32.58 -16.90 9.70
C SER A 591 32.26 -16.13 8.42
N PRO A 592 31.22 -15.29 8.43
CA PRO A 592 30.80 -14.58 7.20
C PRO A 592 31.47 -13.25 6.90
N ILE A 593 32.57 -12.89 7.60
CA ILE A 593 33.17 -11.56 7.42
C ILE A 593 33.84 -11.39 6.07
N VAL A 594 34.64 -10.33 5.95
CA VAL A 594 35.36 -9.97 4.73
C VAL A 594 36.87 -9.92 5.01
PA FAD B . -6.01 4.45 2.61
O1A FAD B . -4.81 4.78 1.80
O2A FAD B . -5.84 4.53 4.16
O5B FAD B . -7.19 5.32 1.95
C5B FAD B . -8.56 5.18 2.38
C4B FAD B . -9.14 6.58 2.37
O4B FAD B . -10.56 6.54 2.67
C3B FAD B . -8.50 7.54 3.38
O3B FAD B . -8.18 8.78 2.76
C2B FAD B . -9.57 7.65 4.47
O2B FAD B . -9.53 8.89 5.17
C1B FAD B . -10.84 7.54 3.63
N9A FAD B . -12.05 7.20 4.36
C8A FAD B . -12.19 6.45 5.49
N7A FAD B . -13.43 6.33 5.92
C5A FAD B . -14.17 7.07 5.00
C6A FAD B . -15.55 7.35 4.89
N6A FAD B . -16.47 6.90 5.73
N1A FAD B . -15.95 8.11 3.86
C2A FAD B . -15.03 8.57 2.99
N3A FAD B . -13.70 8.38 3.00
C4A FAD B . -13.34 7.62 4.04
N1 FAD B . 3.06 0.96 2.32
C2 FAD B . 3.96 0.65 1.34
O2 FAD B . 3.72 -0.23 0.49
N3 FAD B . 5.18 1.34 1.29
C4 FAD B . 5.60 2.35 2.17
O4 FAD B . 6.70 2.90 2.02
C4X FAD B . 4.64 2.65 3.19
N5 FAD B . 4.94 3.60 4.06
C5X FAD B . 4.01 3.90 5.05
C6 FAD B . 4.32 4.88 5.98
C7 FAD B . 3.43 5.21 6.98
C7M FAD B . 3.79 6.30 7.96
C8 FAD B . 2.19 4.55 7.07
C8M FAD B . 1.19 4.90 8.14
C9 FAD B . 1.88 3.56 6.14
C9A FAD B . 2.78 3.22 5.14
N10 FAD B . 2.50 2.21 4.19
C10 FAD B . 3.39 1.92 3.19
C1' FAD B . 1.20 1.51 4.17
C2' FAD B . 0.24 2.07 3.12
O2' FAD B . -0.06 3.44 3.41
C3' FAD B . -1.08 1.31 3.10
O3' FAD B . -0.97 0.01 2.56
C4' FAD B . -2.12 2.05 2.28
O4' FAD B . -2.19 3.43 2.67
C5' FAD B . -3.47 1.36 2.29
O5' FAD B . -4.33 2.00 1.32
P FAD B . -5.90 1.81 1.34
O1P FAD B . -6.26 2.14 -0.12
O2P FAD B . -6.21 0.47 1.96
O3P FAD B . -6.50 2.97 2.26
N1 ZPI C . 24.88 5.03 5.87
C4 ZPI C . 23.76 5.49 1.36
C5 ZPI C . 22.58 4.85 1.05
C6 ZPI C . 24.73 6.21 0.63
C7 ZPI C . 25.64 6.75 1.55
C8 ZPI C . 26.79 7.65 1.30
C10 ZPI C . 26.42 6.61 -1.04
N ZPI C . 25.28 6.34 2.83
C ZPI C . 21.84 4.30 2.13
C1 ZPI C . 22.27 4.37 3.49
C11 ZPI C . 24.90 6.39 -0.80
C12 ZPI C . 24.21 5.00 4.93
C2 ZPI C . 23.48 5.00 3.74
C3 ZPI C . 24.16 5.57 2.72
C9 ZPI C . 26.95 7.82 -0.23
#